data_9JAB
#
_entry.id   9JAB
#
_cell.length_a   33.632
_cell.length_b   44.202
_cell.length_c   66.695
_cell.angle_alpha   72.73
_cell.angle_beta   85.35
_cell.angle_gamma   78.76
#
_symmetry.space_group_name_H-M   'P 1'
#
loop_
_entity.id
_entity.type
_entity.pdbx_description
1 polymer 'Guanylate kinase'
2 non-polymer 'MAGNESIUM ION'
3 non-polymer 'POTASSIUM ION'
4 non-polymer "GUANOSINE-5'-MONOPHOSPHATE"
5 non-polymer "ADENOSINE-5'-DIPHOSPHATE"
6 non-polymer 'TETRAFLUOROALUMINATE ION'
7 water water
#
_entity_poly.entity_id   1
_entity_poly.type   'polypeptide(L)'
_entity_poly.pdbx_seq_one_letter_code
;HMSGPRPVVLSGPSGAGKSTLLKRLLQEHSGIFGFSVSHTTRNPRPGEENGKDYYFVTREVMQRDIAAGDFIEHAEFSGN
LYGTSKVAVQAVQAMNRICVLDVDLQGVRNIKATDLRPIYISVQPPSLHVLEQRLRQRNTETEESLVKRLAAAQADMESS
KEPGLFDVVIINDSLDQAYAELKEALSEEIKKAQRTGA
;
_entity_poly.pdbx_strand_id   A,B
#
loop_
_chem_comp.id
_chem_comp.type
_chem_comp.name
_chem_comp.formula
5GP non-polymer GUANOSINE-5'-MONOPHOSPHATE 'C10 H14 N5 O8 P'
ADP non-polymer ADENOSINE-5'-DIPHOSPHATE 'C10 H15 N5 O10 P2'
ALF non-polymer 'TETRAFLUOROALUMINATE ION' 'Al F4 -1'
K non-polymer 'POTASSIUM ION' 'K 1'
MG non-polymer 'MAGNESIUM ION' 'Mg 2'
#
# COMPACT_ATOMS: atom_id res chain seq x y z
N SER A 3 -13.00 -22.04 -7.65
CA SER A 3 -14.34 -21.81 -8.18
C SER A 3 -15.25 -21.20 -7.12
N GLY A 4 -15.12 -21.68 -5.89
CA GLY A 4 -15.92 -21.19 -4.80
C GLY A 4 -15.07 -20.52 -3.72
N PRO A 5 -15.51 -20.62 -2.47
CA PRO A 5 -14.72 -20.03 -1.38
C PRO A 5 -13.39 -20.73 -1.21
N ARG A 6 -12.41 -19.96 -0.73
CA ARG A 6 -11.07 -20.46 -0.45
C ARG A 6 -10.59 -19.84 0.85
N PRO A 7 -9.66 -20.50 1.55
CA PRO A 7 -9.13 -19.93 2.79
C PRO A 7 -8.41 -18.62 2.55
N VAL A 8 -8.18 -17.88 3.64
CA VAL A 8 -7.55 -16.57 3.59
C VAL A 8 -6.30 -16.61 4.46
N VAL A 9 -5.17 -16.24 3.87
CA VAL A 9 -3.91 -16.12 4.59
C VAL A 9 -3.59 -14.64 4.72
N LEU A 10 -3.51 -14.17 5.95
CA LEU A 10 -3.21 -12.78 6.25
C LEU A 10 -1.89 -12.71 6.99
N SER A 11 -0.97 -11.89 6.50
CA SER A 11 0.38 -11.82 7.06
C SER A 11 0.80 -10.36 7.12
N GLY A 12 2.05 -10.14 7.49
CA GLY A 12 2.60 -8.81 7.62
C GLY A 12 3.53 -8.72 8.80
N PRO A 13 4.25 -7.59 8.90
CA PRO A 13 5.17 -7.40 10.02
C PRO A 13 4.42 -7.33 11.36
N SER A 14 5.12 -7.68 12.43
CA SER A 14 4.53 -7.65 13.75
C SER A 14 4.15 -6.23 14.13
N GLY A 15 2.96 -6.07 14.72
CA GLY A 15 2.46 -4.77 15.09
C GLY A 15 1.85 -3.96 13.97
N ALA A 16 1.63 -4.58 12.81
CA ALA A 16 1.07 -3.87 11.66
C ALA A 16 -0.45 -3.81 11.67
N GLY A 17 -1.11 -4.40 12.67
CA GLY A 17 -2.55 -4.38 12.75
C GLY A 17 -3.26 -5.62 12.25
N LYS A 18 -2.55 -6.72 12.03
CA LYS A 18 -3.17 -7.92 11.49
C LYS A 18 -4.22 -8.49 12.44
N SER A 19 -3.91 -8.51 13.75
CA SER A 19 -4.83 -9.10 14.71
C SER A 19 -6.11 -8.28 14.85
N THR A 20 -5.97 -6.96 14.97
CA THR A 20 -7.15 -6.12 15.15
C THR A 20 -8.06 -6.16 13.93
N LEU A 21 -7.47 -6.15 12.73
CA LEU A 21 -8.28 -6.22 11.51
C LEU A 21 -9.07 -7.52 11.44
N LEU A 22 -8.45 -8.63 11.89
CA LEU A 22 -9.15 -9.91 11.88
C LEU A 22 -10.27 -9.96 12.90
N LYS A 23 -10.04 -9.41 14.10
CA LYS A 23 -11.06 -9.46 15.14
C LYS A 23 -12.34 -8.73 14.72
N ARG A 24 -12.19 -7.56 14.09
CA ARG A 24 -13.36 -6.86 13.55
C ARG A 24 -14.00 -7.66 12.43
N LEU A 25 -13.18 -8.27 11.56
CA LEU A 25 -13.72 -9.09 10.49
C LEU A 25 -14.46 -10.31 11.02
N LEU A 26 -13.90 -10.96 12.05
CA LEU A 26 -14.53 -12.14 12.62
C LEU A 26 -15.83 -11.79 13.33
N GLN A 27 -15.84 -10.70 14.11
CA GLN A 27 -17.04 -10.32 14.84
C GLN A 27 -18.15 -9.88 13.90
N GLU A 28 -17.82 -9.03 12.92
CA GLU A 28 -18.83 -8.52 12.00
C GLU A 28 -19.28 -9.55 10.99
N HIS A 29 -18.54 -10.64 10.82
CA HIS A 29 -18.88 -11.69 9.87
C HIS A 29 -18.64 -13.05 10.51
N SER A 30 -19.36 -13.33 11.61
CA SER A 30 -19.19 -14.59 12.32
C SER A 30 -19.67 -15.78 11.48
N GLY A 31 -20.70 -15.57 10.66
CA GLY A 31 -21.25 -16.65 9.85
C GLY A 31 -20.51 -16.93 8.57
N ILE A 32 -19.43 -16.21 8.28
CA ILE A 32 -18.67 -16.38 7.05
C ILE A 32 -17.24 -16.84 7.33
N PHE A 33 -16.57 -16.20 8.29
CA PHE A 33 -15.16 -16.44 8.54
C PHE A 33 -14.96 -17.11 9.89
N GLY A 34 -14.06 -18.08 9.92
CA GLY A 34 -13.64 -18.72 11.16
C GLY A 34 -12.14 -18.59 11.33
N PHE A 35 -11.72 -18.28 12.55
CA PHE A 35 -10.31 -18.05 12.83
C PHE A 35 -9.57 -19.37 12.99
N SER A 36 -8.38 -19.44 12.40
CA SER A 36 -7.50 -20.60 12.55
C SER A 36 -6.66 -20.41 13.81
N VAL A 37 -6.85 -21.28 14.80
CA VAL A 37 -6.17 -21.15 16.08
C VAL A 37 -4.83 -21.87 15.96
N SER A 38 -3.76 -21.08 15.84
CA SER A 38 -2.42 -21.63 15.73
C SER A 38 -1.89 -22.06 17.09
N HIS A 39 -0.79 -22.79 17.07
CA HIS A 39 -0.08 -23.18 18.28
C HIS A 39 1.13 -22.28 18.47
N THR A 40 1.37 -21.87 19.71
CA THR A 40 2.53 -21.06 20.03
C THR A 40 3.16 -21.54 21.33
N THR A 41 4.45 -21.26 21.47
CA THR A 41 5.17 -21.56 22.71
C THR A 41 5.44 -20.33 23.56
N ARG A 42 5.12 -19.13 23.06
CA ARG A 42 5.33 -17.92 23.83
C ARG A 42 4.28 -17.79 24.94
N ASN A 43 4.62 -17.04 25.96
CA ASN A 43 3.73 -16.84 27.09
C ASN A 43 2.50 -16.04 26.66
N PRO A 44 1.36 -16.27 27.31
CA PRO A 44 0.15 -15.53 26.96
C PRO A 44 0.25 -14.05 27.31
N ARG A 45 -0.18 -13.21 26.37
CA ARG A 45 -0.33 -11.79 26.64
C ARG A 45 -1.54 -11.57 27.54
N PRO A 46 -1.60 -10.43 28.24
CA PRO A 46 -2.79 -10.12 29.02
C PRO A 46 -4.02 -10.04 28.13
N GLY A 47 -5.14 -10.59 28.62
CA GLY A 47 -6.36 -10.64 27.86
C GLY A 47 -6.42 -11.72 26.80
N GLU A 48 -5.41 -12.58 26.71
CA GLU A 48 -5.40 -13.66 25.74
C GLU A 48 -6.02 -14.92 26.34
N GLU A 49 -6.81 -15.62 25.53
CA GLU A 49 -7.52 -16.81 25.97
C GLU A 49 -7.02 -18.02 25.21
N ASN A 50 -6.74 -19.10 25.94
CA ASN A 50 -6.30 -20.34 25.32
C ASN A 50 -7.44 -20.95 24.51
N GLY A 51 -7.11 -21.47 23.33
CA GLY A 51 -8.09 -22.06 22.44
C GLY A 51 -8.76 -21.07 21.50
N LYS A 52 -8.51 -19.77 21.66
CA LYS A 52 -9.08 -18.77 20.77
C LYS A 52 -7.98 -18.04 20.00
N ASP A 53 -7.12 -17.28 20.68
CA ASP A 53 -6.04 -16.58 19.98
C ASP A 53 -4.97 -17.57 19.51
N TYR A 54 -4.57 -18.50 20.38
CA TYR A 54 -3.62 -19.54 20.02
C TYR A 54 -3.92 -20.78 20.87
N TYR A 55 -3.12 -21.82 20.65
CA TYR A 55 -3.08 -23.01 21.51
C TYR A 55 -1.79 -22.92 22.31
N PHE A 56 -1.88 -22.30 23.49
CA PHE A 56 -0.70 -22.03 24.32
C PHE A 56 -0.15 -23.35 24.86
N VAL A 57 1.00 -23.77 24.33
CA VAL A 57 1.63 -25.02 24.71
C VAL A 57 3.10 -24.76 25.01
N THR A 58 3.71 -25.68 25.75
CA THR A 58 5.13 -25.61 26.00
C THR A 58 5.90 -26.09 24.77
N ARG A 59 7.22 -25.82 24.77
CA ARG A 59 8.05 -26.21 23.65
C ARG A 59 8.11 -27.73 23.52
N GLU A 60 8.14 -28.44 24.64
CA GLU A 60 8.12 -29.90 24.60
C GLU A 60 6.82 -30.42 23.97
N VAL A 61 5.69 -29.82 24.36
CA VAL A 61 4.41 -30.22 23.77
C VAL A 61 4.36 -29.87 22.29
N MET A 62 4.83 -28.67 21.93
CA MET A 62 4.82 -28.26 20.52
C MET A 62 5.71 -29.18 19.67
N GLN A 63 6.90 -29.49 20.17
CA GLN A 63 7.82 -30.33 19.39
C GLN A 63 7.30 -31.76 19.25
N ARG A 64 6.63 -32.28 20.29
CA ARG A 64 6.04 -33.60 20.18
C ARG A 64 4.95 -33.63 19.11
N ASP A 65 4.24 -32.51 18.91
CA ASP A 65 3.23 -32.45 17.86
C ASP A 65 3.84 -32.36 16.47
N ILE A 66 5.00 -31.70 16.34
CA ILE A 66 5.66 -31.61 15.04
C ILE A 66 6.08 -32.99 14.57
N ALA A 67 6.68 -33.79 15.45
CA ALA A 67 7.07 -35.14 15.08
C ALA A 67 5.86 -36.01 14.79
N ALA A 68 4.75 -35.77 15.48
CA ALA A 68 3.51 -36.51 15.22
C ALA A 68 2.85 -36.10 13.91
N GLY A 69 3.32 -35.04 13.26
CA GLY A 69 2.74 -34.61 12.01
C GLY A 69 1.42 -33.87 12.14
N ASP A 70 1.17 -33.25 13.28
CA ASP A 70 -0.08 -32.54 13.51
C ASP A 70 -0.14 -31.18 12.81
N PHE A 71 0.99 -30.68 12.31
CA PHE A 71 1.08 -29.33 11.78
C PHE A 71 1.20 -29.36 10.26
N ILE A 72 0.39 -28.55 9.58
CA ILE A 72 0.57 -28.34 8.16
C ILE A 72 1.81 -27.49 7.90
N GLU A 73 2.07 -26.52 8.78
CA GLU A 73 3.27 -25.69 8.68
C GLU A 73 3.71 -25.30 10.08
N HIS A 74 5.01 -24.99 10.20
CA HIS A 74 5.57 -24.55 11.47
C HIS A 74 6.90 -23.85 11.22
N ALA A 75 7.17 -22.83 12.02
CA ALA A 75 8.42 -22.08 11.93
C ALA A 75 8.66 -21.35 13.24
N GLU A 76 9.92 -21.02 13.50
CA GLU A 76 10.29 -20.27 14.68
C GLU A 76 10.26 -18.76 14.39
N PHE A 77 9.86 -18.00 15.40
CA PHE A 77 9.72 -16.56 15.26
C PHE A 77 10.01 -15.91 16.60
N SER A 78 11.06 -15.08 16.65
CA SER A 78 11.44 -14.35 17.85
C SER A 78 11.74 -15.27 19.03
N GLY A 79 12.36 -16.41 18.74
CA GLY A 79 12.74 -17.35 19.77
C GLY A 79 11.61 -18.19 20.31
N ASN A 80 10.42 -18.11 19.71
CA ASN A 80 9.28 -18.91 20.13
C ASN A 80 8.71 -19.63 18.91
N LEU A 81 8.10 -20.78 19.16
CA LEU A 81 7.62 -21.65 18.10
C LEU A 81 6.18 -21.31 17.73
N TYR A 82 5.88 -21.42 16.44
CA TYR A 82 4.53 -21.22 15.93
C TYR A 82 4.25 -22.26 14.88
N GLY A 83 2.97 -22.63 14.76
CA GLY A 83 2.57 -23.59 13.76
C GLY A 83 1.07 -23.57 13.56
N THR A 84 0.65 -23.90 12.35
CA THR A 84 -0.76 -24.09 12.03
C THR A 84 -1.04 -25.59 12.06
N SER A 85 -1.90 -26.01 12.97
CA SER A 85 -2.22 -27.43 13.07
C SER A 85 -3.23 -27.82 11.99
N LYS A 86 -3.15 -29.07 11.55
CA LYS A 86 -4.10 -29.57 10.56
C LYS A 86 -5.52 -29.52 11.11
N VAL A 87 -5.69 -29.84 12.40
CA VAL A 87 -7.01 -29.83 13.01
C VAL A 87 -7.57 -28.41 13.08
N ALA A 88 -6.70 -27.40 13.21
CA ALA A 88 -7.19 -26.02 13.27
C ALA A 88 -7.90 -25.63 11.97
N VAL A 89 -7.33 -26.03 10.82
CA VAL A 89 -7.98 -25.74 9.55
C VAL A 89 -9.23 -26.61 9.39
N GLN A 90 -9.16 -27.87 9.80
CA GLN A 90 -10.32 -28.75 9.66
C GLN A 90 -11.47 -28.31 10.56
N ALA A 91 -11.16 -27.73 11.72
CA ALA A 91 -12.22 -27.29 12.63
C ALA A 91 -13.08 -26.21 11.98
N VAL A 92 -12.45 -25.23 11.33
CA VAL A 92 -13.20 -24.19 10.63
C VAL A 92 -13.97 -24.79 9.46
N GLN A 93 -13.35 -25.71 8.72
CA GLN A 93 -14.04 -26.37 7.62
C GLN A 93 -15.26 -27.14 8.09
N ALA A 94 -15.21 -27.67 9.32
CA ALA A 94 -16.35 -28.41 9.86
C ALA A 94 -17.53 -27.52 10.23
N MET A 95 -17.32 -26.20 10.32
CA MET A 95 -18.42 -25.28 10.60
C MET A 95 -18.93 -24.57 9.36
N ASN A 96 -18.47 -24.96 8.18
CA ASN A 96 -18.82 -24.30 6.92
C ASN A 96 -18.46 -22.82 6.96
N ARG A 97 -17.17 -22.57 7.20
CA ARG A 97 -16.65 -21.21 7.28
C ARG A 97 -15.36 -21.09 6.50
N ILE A 98 -15.06 -19.88 6.05
CA ILE A 98 -13.79 -19.61 5.41
C ILE A 98 -12.71 -19.50 6.48
N CYS A 99 -11.64 -20.26 6.33
CA CYS A 99 -10.55 -20.24 7.30
C CYS A 99 -9.67 -19.02 7.07
N VAL A 100 -9.46 -18.24 8.12
CA VAL A 100 -8.60 -17.06 8.08
C VAL A 100 -7.39 -17.36 8.97
N LEU A 101 -6.20 -17.27 8.39
CA LEU A 101 -4.97 -17.62 9.08
C LEU A 101 -4.09 -16.38 9.26
N ASP A 102 -3.48 -16.27 10.43
CA ASP A 102 -2.51 -15.23 10.73
C ASP A 102 -1.15 -15.91 10.90
N VAL A 103 -0.27 -15.74 9.91
CA VAL A 103 1.04 -16.35 9.91
C VAL A 103 2.08 -15.28 9.57
N ASP A 104 3.34 -15.64 9.76
CA ASP A 104 4.45 -14.76 9.43
C ASP A 104 4.84 -14.98 7.97
N LEU A 105 5.94 -14.36 7.54
CA LEU A 105 6.40 -14.53 6.17
C LEU A 105 6.78 -15.99 5.89
N GLN A 106 7.44 -16.63 6.86
CA GLN A 106 7.81 -18.03 6.67
C GLN A 106 6.58 -18.92 6.54
N GLY A 107 5.53 -18.62 7.31
CA GLY A 107 4.29 -19.38 7.17
C GLY A 107 3.67 -19.25 5.80
N VAL A 108 3.71 -18.04 5.22
CA VAL A 108 3.16 -17.83 3.89
C VAL A 108 3.87 -18.68 2.87
N ARG A 109 5.21 -18.69 2.92
CA ARG A 109 5.98 -19.48 1.97
C ARG A 109 5.71 -20.97 2.17
N ASN A 110 5.58 -21.40 3.44
CA ASN A 110 5.21 -22.79 3.70
C ASN A 110 3.83 -23.10 3.15
N ILE A 111 2.87 -22.19 3.33
CA ILE A 111 1.51 -22.42 2.86
C ILE A 111 1.46 -22.44 1.33
N LYS A 112 2.40 -21.73 0.68
CA LYS A 112 2.47 -21.77 -0.78
C LYS A 112 2.68 -23.21 -1.28
N ALA A 113 3.29 -24.05 -0.46
CA ALA A 113 3.48 -25.46 -0.82
C ALA A 113 2.20 -26.27 -0.68
N THR A 114 1.35 -25.93 0.29
CA THR A 114 0.17 -26.72 0.59
C THR A 114 -0.89 -26.58 -0.51
N ASP A 115 -1.89 -27.45 -0.43
CA ASP A 115 -2.97 -27.51 -1.40
C ASP A 115 -4.21 -26.74 -0.94
N LEU A 116 -4.11 -25.95 0.12
CA LEU A 116 -5.24 -25.15 0.57
C LEU A 116 -5.60 -24.08 -0.45
N ARG A 117 -4.60 -23.57 -1.20
CA ARG A 117 -4.76 -22.54 -2.21
C ARG A 117 -5.50 -21.33 -1.65
N PRO A 118 -4.92 -20.61 -0.70
CA PRO A 118 -5.64 -19.48 -0.09
C PRO A 118 -5.36 -18.16 -0.80
N ILE A 119 -6.02 -17.11 -0.36
CA ILE A 119 -5.69 -15.76 -0.79
C ILE A 119 -4.71 -15.17 0.21
N TYR A 120 -3.79 -14.34 -0.28
CA TYR A 120 -2.70 -13.83 0.53
C TYR A 120 -2.85 -12.32 0.67
N ILE A 121 -3.00 -11.86 1.92
CA ILE A 121 -3.22 -10.45 2.23
C ILE A 121 -2.12 -10.00 3.18
N SER A 122 -1.44 -8.91 2.81
CA SER A 122 -0.34 -8.36 3.60
C SER A 122 -0.80 -7.04 4.21
N VAL A 123 -0.89 -6.99 5.53
CA VAL A 123 -1.24 -5.76 6.24
C VAL A 123 0.06 -5.05 6.58
N GLN A 124 0.25 -3.87 5.99
CA GLN A 124 1.50 -3.13 6.11
C GLN A 124 1.27 -1.80 6.81
N PRO A 125 2.25 -1.33 7.57
CA PRO A 125 2.16 0.02 8.15
C PRO A 125 2.60 1.07 7.15
N PRO A 126 2.22 2.33 7.35
CA PRO A 126 2.64 3.37 6.40
C PRO A 126 4.15 3.53 6.33
N SER A 127 4.86 3.31 7.43
CA SER A 127 6.30 3.41 7.46
C SER A 127 6.83 2.54 8.59
N LEU A 128 8.12 2.25 8.53
CA LEU A 128 8.75 1.44 9.57
C LEU A 128 8.72 2.15 10.92
N HIS A 129 8.91 3.47 10.93
CA HIS A 129 8.89 4.22 12.18
C HIS A 129 7.53 4.12 12.86
N VAL A 130 6.46 4.21 12.08
CA VAL A 130 5.11 4.07 12.63
C VAL A 130 4.93 2.69 13.25
N LEU A 131 5.51 1.66 12.62
CA LEU A 131 5.42 0.31 13.17
C LEU A 131 6.09 0.23 14.53
N GLU A 132 7.22 0.92 14.71
CA GLU A 132 7.88 0.94 16.01
C GLU A 132 7.01 1.58 17.07
N GLN A 133 6.36 2.71 16.73
CA GLN A 133 5.50 3.38 17.70
C GLN A 133 4.33 2.51 18.10
N ARG A 134 3.70 1.84 17.14
CA ARG A 134 2.58 0.96 17.44
C ARG A 134 3.03 -0.26 18.24
N LEU A 135 4.21 -0.79 17.95
CA LEU A 135 4.76 -1.87 18.76
C LEU A 135 5.09 -1.42 20.17
N ARG A 136 5.63 -0.20 20.31
CA ARG A 136 5.94 0.32 21.63
C ARG A 136 4.69 0.65 22.42
N GLN A 137 3.63 1.10 21.74
CA GLN A 137 2.37 1.37 22.43
C GLN A 137 1.77 0.09 23.00
N ARG A 138 1.82 -1.00 22.23
CA ARG A 138 1.30 -2.27 22.72
C ARG A 138 2.07 -2.74 23.96
N ASN A 139 3.40 -2.60 23.92
CA ASN A 139 4.26 -2.89 25.08
C ASN A 139 4.13 -4.33 25.57
N THR A 140 3.85 -5.26 24.65
CA THR A 140 3.78 -6.67 24.99
C THR A 140 5.08 -7.41 24.70
N GLU A 141 6.13 -6.69 24.31
CA GLU A 141 7.41 -7.29 23.97
C GLU A 141 8.52 -6.61 24.76
N THR A 142 9.58 -7.38 25.04
CA THR A 142 10.75 -6.81 25.68
C THR A 142 11.51 -5.93 24.70
N GLU A 143 12.47 -5.17 25.23
CA GLU A 143 13.26 -4.28 24.38
C GLU A 143 14.05 -5.07 23.35
N GLU A 144 14.63 -6.20 23.75
CA GLU A 144 15.36 -7.04 22.80
C GLU A 144 14.41 -7.71 21.81
N SER A 145 13.27 -8.20 22.30
CA SER A 145 12.31 -8.83 21.40
C SER A 145 11.68 -7.82 20.45
N LEU A 146 11.49 -6.58 20.90
CA LEU A 146 10.96 -5.54 20.01
C LEU A 146 11.93 -5.23 18.89
N VAL A 147 13.23 -5.17 19.19
CA VAL A 147 14.22 -4.83 18.18
C VAL A 147 14.26 -5.89 17.09
N LYS A 148 14.27 -7.16 17.48
CA LYS A 148 14.32 -8.22 16.48
C LYS A 148 12.98 -8.38 15.75
N ARG A 149 11.88 -8.03 16.40
CA ARG A 149 10.61 -7.94 15.69
C ARG A 149 10.62 -6.81 14.68
N LEU A 150 11.25 -5.68 15.04
CA LEU A 150 11.47 -4.60 14.07
C LEU A 150 12.35 -5.08 12.92
N ALA A 151 13.39 -5.84 13.23
CA ALA A 151 14.30 -6.31 12.18
C ALA A 151 13.58 -7.23 11.20
N ALA A 152 12.78 -8.18 11.71
CA ALA A 152 12.00 -9.04 10.85
C ALA A 152 10.93 -8.28 10.08
N ALA A 153 10.49 -7.13 10.60
CA ALA A 153 9.49 -6.34 9.90
C ALA A 153 10.01 -5.82 8.57
N GLN A 154 11.21 -5.24 8.58
CA GLN A 154 11.77 -4.68 7.35
C GLN A 154 12.05 -5.77 6.33
N ALA A 155 12.55 -6.92 6.78
CA ALA A 155 12.77 -8.04 5.86
C ALA A 155 11.46 -8.51 5.25
N ASP A 156 10.40 -8.58 6.05
CA ASP A 156 9.09 -8.90 5.50
C ASP A 156 8.51 -7.72 4.72
N MET A 157 8.91 -6.50 5.07
CA MET A 157 8.46 -5.32 4.33
C MET A 157 8.92 -5.38 2.88
N GLU A 158 10.22 -5.63 2.67
CA GLU A 158 10.75 -5.70 1.32
C GLU A 158 10.17 -6.88 0.55
N SER A 159 10.01 -8.02 1.22
CA SER A 159 9.46 -9.20 0.56
C SER A 159 7.98 -9.04 0.22
N SER A 160 7.30 -8.07 0.82
CA SER A 160 5.89 -7.84 0.50
C SER A 160 5.71 -7.40 -0.95
N LYS A 161 6.74 -6.85 -1.57
CA LYS A 161 6.70 -6.42 -2.97
C LYS A 161 7.10 -7.52 -3.93
N GLU A 162 7.33 -8.74 -3.44
CA GLU A 162 7.69 -9.84 -4.32
C GLU A 162 6.53 -10.14 -5.28
N PRO A 163 6.80 -10.28 -6.58
CA PRO A 163 5.71 -10.46 -7.56
C PRO A 163 5.03 -11.81 -7.37
N GLY A 164 3.71 -11.78 -7.14
CA GLY A 164 2.94 -12.99 -6.99
C GLY A 164 2.88 -13.55 -5.59
N LEU A 165 3.57 -12.94 -4.62
CA LEU A 165 3.53 -13.45 -3.26
C LEU A 165 2.22 -13.09 -2.58
N PHE A 166 1.93 -11.79 -2.45
CA PHE A 166 0.71 -11.31 -1.82
C PHE A 166 -0.29 -10.90 -2.89
N ASP A 167 -1.49 -11.46 -2.83
CA ASP A 167 -2.53 -11.09 -3.77
C ASP A 167 -3.00 -9.66 -3.55
N VAL A 168 -3.12 -9.24 -2.30
CA VAL A 168 -3.56 -7.90 -1.94
C VAL A 168 -2.70 -7.39 -0.79
N VAL A 169 -2.28 -6.13 -0.88
CA VAL A 169 -1.48 -5.48 0.16
C VAL A 169 -2.31 -4.35 0.74
N ILE A 170 -2.47 -4.33 2.06
CA ILE A 170 -3.23 -3.32 2.77
C ILE A 170 -2.27 -2.46 3.58
N ILE A 171 -2.32 -1.15 3.35
CA ILE A 171 -1.53 -0.20 4.14
C ILE A 171 -2.35 0.23 5.34
N ASN A 172 -1.89 -0.13 6.53
CA ASN A 172 -2.64 0.12 7.77
C ASN A 172 -2.26 1.49 8.31
N ASP A 173 -2.81 2.52 7.69
CA ASP A 173 -2.71 3.88 8.20
C ASP A 173 -3.92 4.24 9.06
N SER A 174 -5.10 4.16 8.46
CA SER A 174 -6.36 4.34 9.18
C SER A 174 -7.04 2.99 9.34
N LEU A 175 -7.40 2.65 10.58
CA LEU A 175 -7.98 1.35 10.86
C LEU A 175 -9.31 1.17 10.11
N ASP A 176 -10.13 2.22 10.07
CA ASP A 176 -11.37 2.15 9.29
C ASP A 176 -11.09 1.99 7.81
N GLN A 177 -10.11 2.75 7.29
CA GLN A 177 -9.76 2.63 5.87
C GLN A 177 -9.19 1.26 5.54
N ALA A 178 -8.30 0.75 6.41
CA ALA A 178 -7.73 -0.57 6.18
C ALA A 178 -8.79 -1.66 6.28
N TYR A 179 -9.72 -1.53 7.23
CA TYR A 179 -10.78 -2.52 7.36
C TYR A 179 -11.71 -2.49 6.15
N ALA A 180 -12.00 -1.30 5.61
CA ALA A 180 -12.82 -1.22 4.41
C ALA A 180 -12.11 -1.89 3.23
N GLU A 181 -10.81 -1.68 3.09
CA GLU A 181 -10.05 -2.33 2.02
C GLU A 181 -10.03 -3.85 2.20
N LEU A 182 -9.97 -4.30 3.45
CA LEU A 182 -10.03 -5.74 3.71
C LEU A 182 -11.36 -6.33 3.26
N LYS A 183 -12.46 -5.64 3.54
CA LYS A 183 -13.77 -6.12 3.09
C LYS A 183 -13.85 -6.17 1.57
N GLU A 184 -13.34 -5.13 0.90
CA GLU A 184 -13.44 -5.07 -0.55
C GLU A 184 -12.68 -6.22 -1.21
N ALA A 185 -11.48 -6.52 -0.72
CA ALA A 185 -10.70 -7.62 -1.27
C ALA A 185 -11.30 -8.97 -0.93
N LEU A 186 -12.16 -9.05 0.08
CA LEU A 186 -12.83 -10.28 0.48
C LEU A 186 -14.24 -10.39 -0.08
N SER A 187 -14.63 -9.47 -0.96
CA SER A 187 -15.99 -9.48 -1.50
C SER A 187 -16.27 -10.75 -2.29
N GLU A 188 -15.30 -11.19 -3.10
CA GLU A 188 -15.49 -12.42 -3.87
C GLU A 188 -15.61 -13.64 -2.97
N GLU A 189 -14.81 -13.70 -1.90
CA GLU A 189 -14.91 -14.82 -0.96
C GLU A 189 -16.24 -14.79 -0.21
N ILE A 190 -16.66 -13.61 0.25
CA ILE A 190 -17.93 -13.50 0.97
C ILE A 190 -19.10 -13.84 0.06
N LYS A 191 -19.05 -13.36 -1.19
CA LYS A 191 -20.11 -13.69 -2.14
C LYS A 191 -20.13 -15.19 -2.43
N LYS A 192 -18.95 -15.80 -2.60
CA LYS A 192 -18.88 -17.23 -2.88
C LYS A 192 -19.41 -18.04 -1.70
N ALA A 193 -19.06 -17.65 -0.48
CA ALA A 193 -19.53 -18.39 0.69
C ALA A 193 -21.04 -18.27 0.85
N GLN A 194 -21.61 -17.11 0.54
CA GLN A 194 -23.04 -16.87 0.69
C GLN A 194 -23.86 -17.44 -0.47
N ARG A 195 -23.26 -18.30 -1.30
CA ARG A 195 -23.99 -18.94 -2.40
C ARG A 195 -23.95 -20.46 -2.27
N GLY B 4 23.14 8.11 -11.65
CA GLY B 4 21.80 8.45 -12.08
C GLY B 4 20.83 8.63 -10.93
N PRO B 5 20.40 9.88 -10.71
CA PRO B 5 19.46 10.14 -9.61
C PRO B 5 18.15 9.39 -9.81
N ARG B 6 17.60 8.89 -8.71
CA ARG B 6 16.36 8.13 -8.76
C ARG B 6 15.17 9.09 -8.86
N PRO B 7 14.35 9.00 -9.90
CA PRO B 7 13.19 9.89 -10.02
C PRO B 7 12.13 9.56 -8.98
N VAL B 8 11.23 10.52 -8.77
CA VAL B 8 10.12 10.36 -7.85
C VAL B 8 8.83 10.58 -8.62
N VAL B 9 7.92 9.62 -8.55
CA VAL B 9 6.63 9.69 -9.22
C VAL B 9 5.57 9.93 -8.17
N LEU B 10 4.86 11.05 -8.29
CA LEU B 10 3.75 11.40 -7.41
C LEU B 10 2.44 11.19 -8.16
N SER B 11 1.50 10.51 -7.51
CA SER B 11 0.21 10.23 -8.13
C SER B 11 -0.85 10.13 -7.04
N GLY B 12 -2.09 9.95 -7.48
CA GLY B 12 -3.23 9.91 -6.60
C GLY B 12 -4.43 10.58 -7.22
N PRO B 13 -5.55 10.58 -6.50
CA PRO B 13 -6.76 11.21 -7.05
C PRO B 13 -6.61 12.72 -7.15
N SER B 14 -7.37 13.30 -8.08
CA SER B 14 -7.32 14.73 -8.30
C SER B 14 -7.77 15.48 -7.06
N GLY B 15 -6.88 16.34 -6.55
CA GLY B 15 -7.17 17.14 -5.37
C GLY B 15 -6.60 16.61 -4.08
N ALA B 16 -5.92 15.47 -4.10
CA ALA B 16 -5.39 14.87 -2.88
C ALA B 16 -4.28 15.70 -2.24
N GLY B 17 -3.72 16.65 -2.96
CA GLY B 17 -2.62 17.45 -2.47
C GLY B 17 -1.30 17.23 -3.19
N LYS B 18 -1.31 16.64 -4.39
CA LYS B 18 -0.06 16.29 -5.07
C LYS B 18 0.72 17.54 -5.45
N SER B 19 0.08 18.50 -6.11
CA SER B 19 0.78 19.72 -6.51
C SER B 19 1.26 20.50 -5.30
N THR B 20 0.43 20.58 -4.26
CA THR B 20 0.79 21.31 -3.06
C THR B 20 2.01 20.69 -2.39
N LEU B 21 2.04 19.37 -2.27
CA LEU B 21 3.19 18.69 -1.67
C LEU B 21 4.45 18.89 -2.52
N LEU B 22 4.31 18.82 -3.85
CA LEU B 22 5.47 18.98 -4.72
C LEU B 22 6.06 20.38 -4.61
N LYS B 23 5.21 21.41 -4.68
CA LYS B 23 5.68 22.78 -4.52
C LYS B 23 6.29 22.98 -3.14
N ARG B 24 5.74 22.30 -2.13
CA ARG B 24 6.35 22.32 -0.80
C ARG B 24 7.76 21.74 -0.83
N LEU B 25 7.94 20.63 -1.54
CA LEU B 25 9.24 19.98 -1.60
C LEU B 25 10.22 20.75 -2.47
N LEU B 26 9.72 21.40 -3.53
CA LEU B 26 10.61 22.10 -4.46
C LEU B 26 11.31 23.28 -3.77
N GLN B 27 10.58 24.05 -2.97
CA GLN B 27 11.14 25.27 -2.42
C GLN B 27 12.21 24.97 -1.36
N GLU B 28 11.95 24.01 -0.48
CA GLU B 28 12.91 23.68 0.57
C GLU B 28 14.16 23.00 0.02
N HIS B 29 14.10 22.49 -1.22
CA HIS B 29 15.23 21.81 -1.85
C HIS B 29 15.29 22.25 -3.32
N SER B 30 15.61 23.52 -3.53
CA SER B 30 15.55 24.11 -4.86
C SER B 30 16.58 23.51 -5.80
N GLY B 31 17.80 23.25 -5.31
CA GLY B 31 18.90 22.88 -6.16
C GLY B 31 18.97 21.42 -6.57
N ILE B 32 18.20 20.54 -5.93
CA ILE B 32 18.33 19.11 -6.15
C ILE B 32 17.12 18.47 -6.80
N PHE B 33 16.00 19.18 -6.90
CA PHE B 33 14.77 18.62 -7.45
C PHE B 33 14.39 19.32 -8.74
N GLY B 34 13.87 18.55 -9.69
CA GLY B 34 13.38 19.08 -10.95
C GLY B 34 12.01 18.52 -11.29
N PHE B 35 11.09 19.40 -11.65
CA PHE B 35 9.72 19.00 -11.96
C PHE B 35 9.58 18.73 -13.46
N SER B 36 9.06 17.56 -13.80
CA SER B 36 8.77 17.25 -15.19
C SER B 36 7.55 18.05 -15.65
N VAL B 37 7.75 18.90 -16.66
CA VAL B 37 6.68 19.76 -17.16
C VAL B 37 5.87 18.95 -18.17
N SER B 38 4.76 18.40 -17.71
CA SER B 38 3.91 17.62 -18.59
C SER B 38 3.16 18.53 -19.57
N HIS B 39 2.78 17.94 -20.71
CA HIS B 39 1.90 18.62 -21.64
C HIS B 39 0.44 18.43 -21.21
N THR B 40 -0.40 19.37 -21.62
CA THR B 40 -1.82 19.26 -21.31
C THR B 40 -2.63 20.06 -22.31
N THR B 41 -3.89 19.65 -22.50
CA THR B 41 -4.83 20.33 -23.36
C THR B 41 -5.83 21.18 -22.60
N ARG B 42 -5.81 21.13 -21.27
CA ARG B 42 -6.77 21.89 -20.49
C ARG B 42 -6.29 23.32 -20.29
N ASN B 43 -7.24 24.20 -20.02
CA ASN B 43 -6.92 25.61 -19.85
C ASN B 43 -6.10 25.82 -18.57
N PRO B 44 -5.19 26.80 -18.57
CA PRO B 44 -4.40 27.07 -17.36
C PRO B 44 -5.26 27.72 -16.29
N ARG B 45 -5.14 27.22 -15.07
CA ARG B 45 -5.80 27.84 -13.93
C ARG B 45 -5.06 29.13 -13.57
N PRO B 46 -5.74 30.07 -12.91
CA PRO B 46 -5.09 31.32 -12.52
C PRO B 46 -3.82 31.06 -11.71
N GLY B 47 -2.77 31.82 -12.03
CA GLY B 47 -1.49 31.67 -11.36
C GLY B 47 -0.54 30.69 -12.01
N GLU B 48 -1.00 29.90 -12.97
CA GLU B 48 -0.15 28.93 -13.64
C GLU B 48 0.56 29.57 -14.83
N GLU B 49 1.76 29.07 -15.11
CA GLU B 49 2.61 29.61 -16.17
C GLU B 49 3.01 28.51 -17.12
N ASN B 50 2.98 28.82 -18.42
CA ASN B 50 3.43 27.87 -19.43
C ASN B 50 4.91 27.59 -19.27
N GLY B 51 5.28 26.31 -19.40
CA GLY B 51 6.66 25.89 -19.26
C GLY B 51 7.09 25.59 -17.84
N LYS B 52 6.25 25.87 -16.85
CA LYS B 52 6.54 25.54 -15.46
C LYS B 52 5.54 24.54 -14.93
N ASP B 53 4.27 24.91 -14.79
CA ASP B 53 3.26 23.95 -14.36
C ASP B 53 2.96 22.93 -15.47
N TYR B 54 2.76 23.41 -16.70
CA TYR B 54 2.40 22.55 -17.81
C TYR B 54 2.85 23.21 -19.11
N TYR B 55 2.82 22.40 -20.19
CA TYR B 55 2.94 22.91 -21.56
C TYR B 55 1.52 23.01 -22.10
N PHE B 56 0.91 24.18 -21.91
CA PHE B 56 -0.48 24.40 -22.31
C PHE B 56 -0.54 24.56 -23.83
N VAL B 57 -0.83 23.46 -24.52
CA VAL B 57 -1.02 23.46 -25.96
C VAL B 57 -2.43 22.99 -26.25
N THR B 58 -2.87 23.20 -27.49
CA THR B 58 -4.21 22.82 -27.88
C THR B 58 -4.28 21.31 -28.10
N ARG B 59 -5.51 20.83 -28.33
CA ARG B 59 -5.72 19.42 -28.62
C ARG B 59 -5.02 19.00 -29.90
N GLU B 60 -4.95 19.90 -30.89
CA GLU B 60 -4.36 19.56 -32.17
C GLU B 60 -2.84 19.44 -32.08
N VAL B 61 -2.20 20.31 -31.32
CA VAL B 61 -0.76 20.23 -31.16
C VAL B 61 -0.36 18.97 -30.41
N MET B 62 -1.12 18.59 -29.38
CA MET B 62 -0.79 17.40 -28.60
C MET B 62 -0.82 16.14 -29.45
N GLN B 63 -1.86 15.99 -30.30
CA GLN B 63 -1.94 14.80 -31.14
C GLN B 63 -0.83 14.77 -32.18
N ARG B 64 -0.40 15.94 -32.67
CA ARG B 64 0.72 15.98 -33.58
C ARG B 64 2.01 15.57 -32.89
N ASP B 65 2.17 15.97 -31.62
CA ASP B 65 3.35 15.55 -30.86
C ASP B 65 3.28 14.07 -30.51
N ILE B 66 2.08 13.50 -30.38
CA ILE B 66 1.94 12.08 -30.11
C ILE B 66 2.41 11.26 -31.30
N ALA B 67 1.95 11.63 -32.50
CA ALA B 67 2.37 10.94 -33.72
C ALA B 67 3.86 11.15 -34.00
N ALA B 68 4.44 12.23 -33.51
CA ALA B 68 5.88 12.45 -33.63
C ALA B 68 6.68 11.63 -32.62
N GLY B 69 6.02 10.90 -31.72
CA GLY B 69 6.71 10.12 -30.72
C GLY B 69 7.45 10.94 -29.70
N ASP B 70 6.90 12.07 -29.28
CA ASP B 70 7.55 12.95 -28.31
C ASP B 70 7.28 12.55 -26.87
N PHE B 71 6.35 11.63 -26.62
CA PHE B 71 5.87 11.34 -25.28
C PHE B 71 6.30 9.95 -24.86
N ILE B 72 6.84 9.84 -23.64
CA ILE B 72 7.04 8.54 -23.03
C ILE B 72 5.70 7.89 -22.71
N GLU B 73 4.71 8.70 -22.32
CA GLU B 73 3.37 8.20 -22.03
C GLU B 73 2.38 9.35 -22.20
N HIS B 74 1.15 9.01 -22.57
CA HIS B 74 0.08 9.98 -22.63
C HIS B 74 -1.23 9.28 -22.32
N ALA B 75 -2.20 10.06 -21.83
CA ALA B 75 -3.47 9.49 -21.40
C ALA B 75 -4.51 10.61 -21.36
N GLU B 76 -5.78 10.18 -21.31
CA GLU B 76 -6.90 11.09 -21.14
C GLU B 76 -7.24 11.23 -19.67
N PHE B 77 -7.81 12.39 -19.31
CA PHE B 77 -8.25 12.62 -17.94
C PHE B 77 -9.31 13.71 -17.95
N SER B 78 -10.55 13.34 -17.66
CA SER B 78 -11.67 14.28 -17.57
C SER B 78 -11.82 15.09 -18.85
N GLY B 79 -11.65 14.43 -19.99
CA GLY B 79 -11.81 15.06 -21.28
C GLY B 79 -10.62 15.87 -21.75
N ASN B 80 -9.47 15.75 -21.10
CA ASN B 80 -8.27 16.46 -21.50
C ASN B 80 -7.10 15.48 -21.58
N LEU B 81 -6.18 15.78 -22.48
CA LEU B 81 -5.03 14.92 -22.74
C LEU B 81 -3.83 15.37 -21.93
N TYR B 82 -3.21 14.44 -21.21
CA TYR B 82 -2.02 14.69 -20.42
C TYR B 82 -0.92 13.76 -20.90
N GLY B 83 0.30 14.28 -21.00
CA GLY B 83 1.42 13.48 -21.47
C GLY B 83 2.72 13.94 -20.84
N THR B 84 3.63 12.99 -20.68
CA THR B 84 4.98 13.27 -20.20
C THR B 84 5.94 13.12 -21.38
N SER B 85 6.36 14.25 -21.94
CA SER B 85 7.25 14.22 -23.08
C SER B 85 8.66 13.78 -22.66
N LYS B 86 9.35 13.11 -23.58
CA LYS B 86 10.76 12.80 -23.35
C LYS B 86 11.57 14.07 -23.15
N VAL B 87 11.18 15.15 -23.81
CA VAL B 87 11.87 16.43 -23.64
C VAL B 87 11.78 16.89 -22.19
N ALA B 88 10.62 16.69 -21.56
CA ALA B 88 10.44 17.13 -20.18
C ALA B 88 11.36 16.38 -19.23
N VAL B 89 11.53 15.07 -19.46
CA VAL B 89 12.37 14.27 -18.57
C VAL B 89 13.85 14.56 -18.82
N GLN B 90 14.26 14.63 -20.09
CA GLN B 90 15.67 14.88 -20.41
C GLN B 90 16.14 16.23 -19.91
N ALA B 91 15.23 17.22 -19.83
CA ALA B 91 15.62 18.54 -19.33
C ALA B 91 16.07 18.47 -17.89
N VAL B 92 15.37 17.70 -17.05
CA VAL B 92 15.78 17.55 -15.65
C VAL B 92 17.07 16.76 -15.55
N GLN B 93 17.23 15.75 -16.41
CA GLN B 93 18.45 14.95 -16.40
C GLN B 93 19.67 15.79 -16.75
N ALA B 94 19.53 16.68 -17.73
CA ALA B 94 20.64 17.55 -18.13
C ALA B 94 21.05 18.51 -17.03
N MET B 95 20.21 18.71 -16.01
CA MET B 95 20.56 19.51 -14.86
C MET B 95 21.11 18.69 -13.70
N ASN B 96 21.22 17.37 -13.86
CA ASN B 96 21.66 16.46 -12.80
C ASN B 96 20.81 16.62 -11.54
N ARG B 97 19.51 16.77 -11.72
CA ARG B 97 18.56 16.93 -10.64
C ARG B 97 17.68 15.70 -10.53
N ILE B 98 16.97 15.61 -9.40
CA ILE B 98 16.01 14.52 -9.19
C ILE B 98 14.69 14.89 -9.86
N CYS B 99 14.27 14.07 -10.81
CA CYS B 99 13.03 14.32 -11.53
C CYS B 99 11.84 13.94 -10.65
N VAL B 100 10.90 14.88 -10.51
CA VAL B 100 9.65 14.62 -9.80
C VAL B 100 8.52 14.72 -10.82
N LEU B 101 7.73 13.65 -10.93
CA LEU B 101 6.68 13.56 -11.93
C LEU B 101 5.31 13.53 -11.25
N ASP B 102 4.39 14.32 -11.81
CA ASP B 102 2.99 14.33 -11.38
C ASP B 102 2.17 13.71 -12.51
N VAL B 103 1.66 12.49 -12.27
CA VAL B 103 0.91 11.76 -13.27
C VAL B 103 -0.28 11.09 -12.62
N ASP B 104 -1.23 10.65 -13.45
CA ASP B 104 -2.39 9.93 -12.96
C ASP B 104 -2.03 8.45 -12.82
N LEU B 105 -3.01 7.62 -12.49
CA LEU B 105 -2.74 6.20 -12.29
C LEU B 105 -2.31 5.53 -13.59
N GLN B 106 -2.92 5.92 -14.71
CA GLN B 106 -2.51 5.37 -16.00
C GLN B 106 -1.07 5.74 -16.32
N GLY B 107 -0.65 6.95 -15.96
CA GLY B 107 0.74 7.33 -16.15
C GLY B 107 1.69 6.50 -15.31
N VAL B 108 1.25 6.12 -14.10
CA VAL B 108 2.10 5.32 -13.22
C VAL B 108 2.41 3.97 -13.86
N ARG B 109 1.39 3.34 -14.45
CA ARG B 109 1.59 2.03 -15.08
C ARG B 109 2.52 2.14 -16.28
N ASN B 110 2.38 3.20 -17.08
CA ASN B 110 3.23 3.36 -18.25
C ASN B 110 4.68 3.61 -17.85
N ILE B 111 4.91 4.47 -16.86
CA ILE B 111 6.25 4.73 -16.39
C ILE B 111 6.86 3.47 -15.79
N LYS B 112 6.02 2.56 -15.28
CA LYS B 112 6.50 1.29 -14.76
C LYS B 112 7.09 0.40 -15.84
N ALA B 113 6.90 0.74 -17.11
CA ALA B 113 7.47 -0.02 -18.22
C ALA B 113 8.69 0.65 -18.83
N THR B 114 9.21 1.71 -18.21
CA THR B 114 10.37 2.44 -18.72
C THR B 114 11.59 2.18 -17.83
N ASP B 115 12.72 2.73 -18.26
CA ASP B 115 13.99 2.54 -17.58
C ASP B 115 14.27 3.61 -16.52
N LEU B 116 13.27 4.42 -16.17
CA LEU B 116 13.50 5.56 -15.29
C LEU B 116 13.87 5.12 -13.87
N ARG B 117 13.38 3.96 -13.44
CA ARG B 117 13.58 3.47 -12.08
C ARG B 117 13.15 4.49 -11.03
N PRO B 118 11.88 4.89 -11.00
CA PRO B 118 11.42 5.85 -10.00
C PRO B 118 10.88 5.17 -8.76
N ILE B 119 10.95 5.90 -7.65
CA ILE B 119 10.23 5.55 -6.44
C ILE B 119 8.83 6.13 -6.55
N TYR B 120 7.82 5.28 -6.42
CA TYR B 120 6.44 5.67 -6.61
C TYR B 120 5.82 6.02 -5.26
N ILE B 121 5.21 7.20 -5.19
CA ILE B 121 4.59 7.70 -3.97
C ILE B 121 3.14 8.06 -4.27
N SER B 122 2.22 7.55 -3.46
CA SER B 122 0.79 7.76 -3.65
C SER B 122 0.29 8.77 -2.62
N VAL B 123 -0.42 9.79 -3.08
CA VAL B 123 -1.01 10.81 -2.23
C VAL B 123 -2.52 10.63 -2.22
N GLN B 124 -3.09 10.50 -1.02
CA GLN B 124 -4.50 10.20 -0.87
C GLN B 124 -5.15 11.19 0.09
N PRO B 125 -6.42 11.49 -0.10
CA PRO B 125 -7.16 12.31 0.86
C PRO B 125 -7.70 11.43 1.98
N PRO B 126 -8.17 12.05 3.07
CA PRO B 126 -8.78 11.24 4.14
C PRO B 126 -9.99 10.45 3.68
N SER B 127 -10.76 10.97 2.74
CA SER B 127 -11.96 10.29 2.25
C SER B 127 -12.33 10.89 0.90
N LEU B 128 -13.37 10.32 0.28
CA LEU B 128 -13.83 10.81 -1.01
C LEU B 128 -14.60 12.12 -0.88
N HIS B 129 -15.36 12.31 0.20
CA HIS B 129 -16.13 13.54 0.35
C HIS B 129 -15.23 14.72 0.70
N VAL B 130 -14.13 14.49 1.41
CA VAL B 130 -13.17 15.56 1.65
C VAL B 130 -12.53 16.01 0.35
N LEU B 131 -12.35 15.08 -0.60
CA LEU B 131 -11.82 15.43 -1.91
C LEU B 131 -12.72 16.43 -2.62
N GLU B 132 -14.04 16.29 -2.46
CA GLU B 132 -14.97 17.26 -3.03
C GLU B 132 -14.78 18.64 -2.43
N GLN B 133 -14.56 18.70 -1.10
CA GLN B 133 -14.35 19.99 -0.45
C GLN B 133 -13.08 20.67 -0.95
N ARG B 134 -12.00 19.92 -1.10
CA ARG B 134 -10.73 20.50 -1.50
C ARG B 134 -10.77 21.00 -2.94
N LEU B 135 -11.48 20.29 -3.82
CA LEU B 135 -11.58 20.74 -5.20
C LEU B 135 -12.45 21.99 -5.32
N ARG B 136 -13.45 22.13 -4.45
CA ARG B 136 -14.30 23.33 -4.50
C ARG B 136 -13.59 24.55 -3.95
N GLN B 137 -12.67 24.37 -3.01
CA GLN B 137 -11.93 25.49 -2.44
C GLN B 137 -10.85 26.02 -3.39
N ARG B 138 -10.70 25.43 -4.57
CA ARG B 138 -9.85 25.99 -5.63
C ARG B 138 -10.61 26.88 -6.60
N ASN B 139 -11.92 26.65 -6.76
CA ASN B 139 -12.75 27.42 -7.69
C ASN B 139 -12.19 27.36 -9.12
N THR B 140 -11.65 26.21 -9.48
CA THR B 140 -11.06 26.01 -10.80
C THR B 140 -11.81 25.00 -11.66
N GLU B 141 -12.76 24.26 -11.08
CA GLU B 141 -13.47 23.21 -11.78
C GLU B 141 -14.94 23.58 -11.94
N THR B 142 -15.49 23.29 -13.11
CA THR B 142 -16.93 23.32 -13.27
C THR B 142 -17.54 22.11 -12.55
N GLU B 143 -18.87 22.13 -12.44
CA GLU B 143 -19.54 21.02 -11.76
C GLU B 143 -19.36 19.71 -12.52
N GLU B 144 -19.42 19.75 -13.85
CA GLU B 144 -19.15 18.55 -14.63
C GLU B 144 -17.72 18.07 -14.43
N SER B 145 -16.76 19.00 -14.42
CA SER B 145 -15.36 18.62 -14.19
C SER B 145 -15.15 18.13 -12.76
N LEU B 146 -15.83 18.74 -11.79
CA LEU B 146 -15.65 18.35 -10.40
C LEU B 146 -16.12 16.92 -10.16
N VAL B 147 -17.30 16.57 -10.67
CA VAL B 147 -17.82 15.22 -10.47
C VAL B 147 -17.00 14.21 -11.27
N LYS B 148 -16.61 14.57 -12.50
CA LYS B 148 -15.80 13.68 -13.31
C LYS B 148 -14.47 13.37 -12.62
N ARG B 149 -13.86 14.38 -11.99
CA ARG B 149 -12.66 14.13 -11.20
C ARG B 149 -12.96 13.26 -9.98
N LEU B 150 -14.11 13.48 -9.34
CA LEU B 150 -14.52 12.62 -8.24
C LEU B 150 -14.79 11.21 -8.73
N ALA B 151 -15.42 11.07 -9.89
CA ALA B 151 -15.65 9.75 -10.47
C ALA B 151 -14.34 9.06 -10.82
N ALA B 152 -13.39 9.83 -11.39
CA ALA B 152 -12.08 9.28 -11.67
C ALA B 152 -11.27 9.00 -10.41
N ALA B 153 -11.67 9.56 -9.28
CA ALA B 153 -10.95 9.36 -8.03
C ALA B 153 -11.28 8.00 -7.42
N GLN B 154 -12.56 7.73 -7.22
CA GLN B 154 -12.98 6.49 -6.57
C GLN B 154 -12.51 5.27 -7.37
N ALA B 155 -12.61 5.34 -8.70
CA ALA B 155 -12.09 4.27 -9.53
C ALA B 155 -10.60 4.11 -9.37
N ASP B 156 -9.87 5.23 -9.26
CA ASP B 156 -8.42 5.16 -9.10
C ASP B 156 -8.02 4.91 -7.66
N MET B 157 -8.87 5.30 -6.71
CA MET B 157 -8.58 5.07 -5.30
C MET B 157 -8.52 3.58 -4.99
N GLU B 158 -9.40 2.79 -5.62
CA GLU B 158 -9.37 1.34 -5.41
C GLU B 158 -8.20 0.70 -6.16
N SER B 159 -7.89 1.19 -7.35
CA SER B 159 -6.80 0.63 -8.15
C SER B 159 -5.44 0.91 -7.54
N SER B 160 -5.34 1.88 -6.64
CA SER B 160 -4.05 2.28 -6.06
C SER B 160 -3.49 1.25 -5.09
N LYS B 161 -4.26 0.23 -4.73
CA LYS B 161 -3.85 -0.73 -3.70
C LYS B 161 -3.34 -2.04 -4.29
N GLU B 162 -3.00 -2.05 -5.59
CA GLU B 162 -2.38 -3.23 -6.16
C GLU B 162 -1.01 -3.45 -5.52
N PRO B 163 -0.66 -4.69 -5.19
CA PRO B 163 0.63 -4.94 -4.53
C PRO B 163 1.80 -4.45 -5.37
N GLY B 164 2.73 -3.75 -4.73
CA GLY B 164 3.93 -3.28 -5.38
C GLY B 164 3.74 -2.09 -6.30
N LEU B 165 2.51 -1.60 -6.48
CA LEU B 165 2.30 -0.46 -7.36
C LEU B 165 2.94 0.80 -6.79
N PHE B 166 2.72 1.06 -5.51
CA PHE B 166 3.25 2.26 -4.85
C PHE B 166 4.17 1.84 -3.72
N ASP B 167 5.38 2.41 -3.69
CA ASP B 167 6.32 2.09 -2.63
C ASP B 167 5.97 2.79 -1.33
N VAL B 168 5.46 4.02 -1.42
CA VAL B 168 5.06 4.79 -0.24
C VAL B 168 3.64 5.30 -0.46
N VAL B 169 2.78 5.07 0.53
CA VAL B 169 1.40 5.55 0.50
C VAL B 169 1.25 6.60 1.60
N ILE B 170 0.79 7.78 1.21
CA ILE B 170 0.65 8.91 2.12
C ILE B 170 -0.79 9.40 2.07
N ILE B 171 -1.41 9.51 3.24
CA ILE B 171 -2.74 10.10 3.36
C ILE B 171 -2.58 11.55 3.75
N ASN B 172 -3.11 12.46 2.92
CA ASN B 172 -2.95 13.90 3.14
C ASN B 172 -4.12 14.40 3.98
N ASP B 173 -4.04 14.13 5.28
CA ASP B 173 -5.00 14.67 6.23
C ASP B 173 -4.50 16.03 6.72
N SER B 174 -3.50 16.02 7.59
CA SER B 174 -2.79 17.24 7.97
C SER B 174 -1.61 17.40 7.02
N LEU B 175 -1.59 18.51 6.29
CA LEU B 175 -0.60 18.68 5.23
C LEU B 175 0.82 18.71 5.78
N ASP B 176 1.00 19.24 6.99
CA ASP B 176 2.33 19.25 7.59
C ASP B 176 2.82 17.82 7.86
N GLN B 177 1.95 16.95 8.34
CA GLN B 177 2.34 15.57 8.62
C GLN B 177 2.59 14.81 7.33
N ALA B 178 1.74 14.99 6.32
CA ALA B 178 1.94 14.31 5.05
C ALA B 178 3.23 14.75 4.39
N TYR B 179 3.61 16.02 4.55
CA TYR B 179 4.87 16.51 4.01
C TYR B 179 6.06 15.86 4.71
N ALA B 180 5.96 15.65 6.02
CA ALA B 180 7.05 15.00 6.75
C ALA B 180 7.25 13.57 6.28
N GLU B 181 6.16 12.87 5.95
CA GLU B 181 6.26 11.51 5.42
C GLU B 181 6.98 11.50 4.08
N LEU B 182 6.69 12.48 3.22
CA LEU B 182 7.39 12.58 1.94
C LEU B 182 8.87 12.85 2.15
N LYS B 183 9.20 13.71 3.12
CA LYS B 183 10.60 13.98 3.43
C LYS B 183 11.31 12.72 3.91
N GLU B 184 10.65 11.93 4.77
CA GLU B 184 11.27 10.73 5.30
C GLU B 184 11.53 9.70 4.20
N ALA B 185 10.58 9.55 3.27
CA ALA B 185 10.73 8.56 2.21
C ALA B 185 11.89 8.88 1.28
N LEU B 186 12.22 10.17 1.12
CA LEU B 186 13.29 10.59 0.22
C LEU B 186 14.53 11.05 0.99
N SER B 187 14.67 10.67 2.26
CA SER B 187 15.79 11.13 3.06
C SER B 187 17.13 10.66 2.49
N GLU B 188 17.20 9.38 2.11
CA GLU B 188 18.45 8.85 1.56
C GLU B 188 18.79 9.51 0.22
N GLU B 189 17.79 9.66 -0.66
CA GLU B 189 18.05 10.27 -1.96
C GLU B 189 18.44 11.74 -1.82
N ILE B 190 17.77 12.47 -0.93
CA ILE B 190 18.07 13.89 -0.75
C ILE B 190 19.50 14.08 -0.25
N LYS B 191 19.90 13.27 0.74
CA LYS B 191 21.25 13.41 1.30
C LYS B 191 22.32 13.14 0.26
N LYS B 192 22.11 12.13 -0.58
CA LYS B 192 23.10 11.83 -1.63
C LYS B 192 23.22 12.98 -2.62
N ALA B 193 22.08 13.57 -3.02
CA ALA B 193 22.12 14.71 -3.93
C ALA B 193 22.58 15.98 -3.24
N GLN B 194 22.51 16.04 -1.91
CA GLN B 194 22.94 17.22 -1.17
C GLN B 194 24.45 17.26 -0.96
N ARG B 195 25.17 16.21 -1.36
CA ARG B 195 26.62 16.18 -1.22
C ARG B 195 27.31 16.52 -2.54
MG MG C . -1.32 -11.42 16.16
K K D . -2.72 -17.73 13.91
P 5GP E . 2.43 -12.64 17.98
O1P 5GP E . 3.38 -13.17 19.03
O2P 5GP E . 1.24 -13.53 17.72
O3P 5GP E . 2.11 -11.17 18.11
O5' 5GP E . 3.28 -12.72 16.64
C5' 5GP E . 3.89 -13.95 16.24
C4' 5GP E . 4.26 -13.94 14.79
O4' 5GP E . 4.13 -15.29 14.26
C3' 5GP E . 3.40 -13.06 13.90
O3' 5GP E . 4.18 -12.56 12.81
C2' 5GP E . 2.35 -14.03 13.36
O2' 5GP E . 1.75 -13.64 12.15
C1' 5GP E . 3.19 -15.30 13.21
N9 5GP E . 2.39 -16.53 13.32
C8 5GP E . 1.29 -16.67 14.08
N7 5GP E . 0.83 -17.94 13.94
C5 5GP E . 1.65 -18.57 13.09
C6 5GP E . 1.67 -19.86 12.58
O6 5GP E . 0.79 -20.68 12.91
N1 5GP E . 2.63 -20.22 11.73
C2 5GP E . 3.58 -19.35 11.36
N2 5GP E . 4.55 -19.75 10.49
N3 5GP E . 3.59 -18.09 11.84
C4 5GP E . 2.63 -17.69 12.71
PB ADP F . -0.02 -7.99 14.55
O1B ADP F . -0.24 -7.47 13.16
O2B ADP F . 1.36 -8.50 14.83
O3B ADP F . -1.13 -8.87 15.07
PA ADP F . -1.51 -6.24 16.17
O1A ADP F . -2.65 -6.39 15.20
O2A ADP F . -1.57 -6.97 17.49
O3A ADP F . -0.13 -6.65 15.45
O5' ADP F . -1.27 -4.68 16.46
C5' ADP F . -2.03 -4.04 17.50
C4' ADP F . -1.54 -2.61 17.64
O4' ADP F . -1.50 -1.97 16.35
C3' ADP F . -2.49 -1.81 18.50
O3' ADP F . -1.86 -1.48 19.75
C2' ADP F . -2.81 -0.55 17.73
O2' ADP F . -2.47 0.61 18.49
C1' ADP F . -1.96 -0.62 16.47
N9 ADP F . -2.75 -0.25 15.29
C8 ADP F . -3.43 -1.10 14.48
N7 ADP F . -4.05 -0.42 13.48
C5 ADP F . -3.77 0.89 13.64
C6 ADP F . -4.11 2.15 12.94
N6 ADP F . -4.88 2.15 11.83
N1 ADP F . -3.60 3.31 13.43
C2 ADP F . -2.83 3.32 14.53
N3 ADP F . -2.48 2.22 15.22
C4 ADP F . -2.92 1.00 14.83
AL ALF G . 1.89 -9.87 16.35
F1 ALF G . 3.25 -10.55 15.42
F2 ALF G . 0.52 -9.21 17.28
F3 ALF G . 3.03 -8.90 17.32
F4 ALF G . 0.76 -10.86 15.37
MG MG H . -2.15 20.40 -10.40
K K I . 2.31 16.88 -14.59
P 5GP J . -4.80 18.53 -13.20
O1P 5GP J . -5.68 18.46 -11.97
O2P 5GP J . -5.56 18.84 -14.47
O3P 5GP J . -3.52 19.31 -13.03
O5' 5GP J . -4.32 17.03 -13.39
C5' 5GP J . -5.26 16.01 -13.75
C4' 5GP J . -4.72 14.62 -13.49
O4' 5GP J . -3.79 14.24 -14.55
C3' 5GP J . -3.97 14.44 -12.17
O3' 5GP J . -4.25 13.15 -11.64
C2' 5GP J . -2.50 14.49 -12.62
O2' 5GP J . -1.60 13.84 -11.75
C1' 5GP J . -2.59 13.79 -13.98
N9 5GP J . -1.48 14.12 -14.89
C8 5GP J . -0.85 15.30 -14.98
N7 5GP J . 0.10 15.21 -15.93
C5 5GP J . 0.06 13.96 -16.43
C6 5GP J . 0.78 13.30 -17.41
O6 5GP J . 1.69 13.89 -18.02
N1 5GP J . 0.51 12.02 -17.69
C2 5GP J . -0.47 11.37 -17.05
N2 5GP J . -0.73 10.08 -17.36
N3 5GP J . -1.20 11.98 -16.09
C4 5GP J . -0.95 13.28 -15.77
PB ADP K . -3.83 17.89 -6.90
O1B ADP K . -3.76 16.87 -5.79
O2B ADP K . -2.53 18.64 -7.11
O3B ADP K . -4.49 17.43 -8.17
PA ADP K . -4.31 20.25 -5.46
O1A ADP K . -3.34 19.75 -4.42
O2A ADP K . -3.90 21.40 -6.35
O3A ADP K . -4.82 19.02 -6.35
O5' ADP K . -5.67 20.67 -4.71
C5' ADP K . -5.84 20.39 -3.33
C4' ADP K . -6.51 21.58 -2.67
O4' ADP K . -6.80 21.25 -1.31
C3' ADP K . -5.57 22.77 -2.67
O3' ADP K . -6.24 23.90 -3.21
C2' ADP K . -5.23 23.04 -1.23
O2' ADP K . -5.50 24.40 -0.92
C1' ADP K . -6.13 22.12 -0.41
N9 ADP K . -5.33 21.28 0.51
C8 ADP K . -4.08 20.85 0.30
N7 ADP K . -3.63 20.10 1.33
C5 ADP K . -4.62 20.04 2.25
C6 ADP K . -4.83 19.42 3.57
N6 ADP K . -3.86 18.69 4.16
N1 ADP K . -6.01 19.61 4.19
C2 ADP K . -6.99 20.34 3.62
N3 ADP K . -6.88 20.94 2.42
C4 ADP K . -5.74 20.83 1.69
AL ALF L . -5.06 18.25 -9.95
F1 ALF L . -6.76 18.78 -9.89
F2 ALF L . -3.35 17.73 -10.02
F3 ALF L . -5.57 16.63 -10.52
F4 ALF L . -4.54 19.86 -9.40
#